data_4PVO
#
_entry.id   4PVO
#
_cell.length_a   104.570
_cell.length_b   79.239
_cell.length_c   67.967
_cell.angle_alpha   90.000
_cell.angle_beta   131.570
_cell.angle_gamma   90.000
#
_symmetry.space_group_name_H-M   'C 1 2 1'
#
loop_
_entity.id
_entity.type
_entity.pdbx_description
1 polymer 'Beta-lactamase class B VIM-2'
2 non-polymer 'ZINC ION'
3 non-polymer '(2Z)-2-sulfanyl-3-(2,3,6-trichlorophenyl)prop-2-enoic acid'
4 non-polymer N-(4-methylpiperazin-1-yl)-2-[(5Z)-4-oxo-2-thioxo-5-(2,3,6-trichlorobenzylidene)-1,3-thiazolidin-3-yl]acetamide
5 non-polymer 'FORMIC ACID'
6 non-polymer 'DIMETHYL SULFOXIDE'
7 water water
#
_entity_poly.entity_id   1
_entity_poly.type   'polypeptide(L)'
_entity_poly.pdbx_seq_one_letter_code
;GPVDSSGEYPTVSEIPVGEVRLYQIADGVWSHIATQSFDGAVYPSNGLIVRDGDELLLIDTAWGAKNTAALLAEIEKQIG
LPVTRAVSTHFHDDRVGGVDVLRAAGVATYASPSTRRLAEVEGNEIPTHSLEGLSSSGDAVRFGPVELFYPGAAHSTDNL
VVYVPSASVLYGGCAIYELSRTSAGNVADADLAEWPTSIERIQQHYPEAQFVIPGHGLPGGLDLLKHTTNVVKAHTNRSV
VE
;
_entity_poly.pdbx_strand_id   A,B
#
# COMPACT_ATOMS: atom_id res chain seq x y z
N GLU A 8 -18.98 1.19 -5.36
CA GLU A 8 -19.35 1.92 -6.56
C GLU A 8 -18.28 2.90 -7.04
N TYR A 9 -17.60 3.62 -6.16
CA TYR A 9 -16.35 4.28 -6.59
C TYR A 9 -15.31 3.17 -6.80
N PRO A 10 -14.52 3.27 -7.89
CA PRO A 10 -13.59 2.17 -8.18
C PRO A 10 -12.41 2.09 -7.20
N THR A 11 -12.00 0.87 -6.88
CA THR A 11 -10.85 0.59 -6.00
C THR A 11 -9.72 -0.04 -6.81
N VAL A 12 -8.56 -0.23 -6.17
CA VAL A 12 -7.39 -0.86 -6.80
C VAL A 12 -7.71 -2.17 -7.50
N SER A 13 -8.38 -3.08 -6.80
CA SER A 13 -8.60 -4.43 -7.28
C SER A 13 -9.36 -4.43 -8.59
N GLU A 14 -10.05 -3.32 -8.88
CA GLU A 14 -10.89 -3.20 -10.07
C GLU A 14 -10.18 -2.49 -11.21
N ILE A 15 -9.00 -1.94 -10.93
CA ILE A 15 -8.23 -1.23 -11.95
C ILE A 15 -6.82 -1.82 -12.10
N PRO A 16 -6.60 -2.59 -13.16
CA PRO A 16 -5.26 -3.09 -13.46
C PRO A 16 -4.25 -1.98 -13.77
N VAL A 17 -2.98 -2.32 -13.57
CA VAL A 17 -1.86 -1.52 -14.02
C VAL A 17 -2.09 -1.04 -15.45
N GLY A 18 -2.01 0.27 -15.68
CA GLY A 18 -2.11 0.79 -17.03
C GLY A 18 -3.49 1.16 -17.52
N GLU A 19 -4.53 0.87 -16.74
CA GLU A 19 -5.91 1.24 -17.08
C GLU A 19 -6.36 2.43 -16.24
N VAL A 20 -7.35 3.15 -16.75
CA VAL A 20 -7.90 4.31 -16.05
C VAL A 20 -9.41 4.21 -16.09
N ARG A 21 -10.06 4.58 -15.00
CA ARG A 21 -11.51 4.65 -14.91
C ARG A 21 -11.94 6.08 -14.72
N LEU A 22 -13.12 6.41 -15.23
CA LEU A 22 -13.72 7.72 -14.98
C LEU A 22 -14.95 7.51 -14.10
N TYR A 23 -15.20 8.46 -13.21
CA TYR A 23 -16.34 8.39 -12.30
C TYR A 23 -17.03 9.72 -12.33
N GLN A 24 -18.30 9.73 -12.72
CA GLN A 24 -19.00 11.01 -12.77
C GLN A 24 -19.49 11.44 -11.40
N ILE A 25 -19.07 12.62 -10.96
CA ILE A 25 -19.33 13.10 -9.61
C ILE A 25 -20.57 13.95 -9.59
N ALA A 26 -20.70 14.76 -10.61
CA ALA A 26 -21.84 15.67 -10.75
C ALA A 26 -21.88 15.98 -12.22
N ASP A 27 -22.89 16.73 -12.68
CA ASP A 27 -22.95 17.14 -14.07
C ASP A 27 -21.67 17.86 -14.52
N GLY A 28 -21.03 17.33 -15.57
CA GLY A 28 -19.85 17.97 -16.12
C GLY A 28 -18.62 17.90 -15.22
N VAL A 29 -18.60 17.03 -14.21
CA VAL A 29 -17.44 16.86 -13.35
C VAL A 29 -17.20 15.37 -13.15
N TRP A 30 -15.99 14.93 -13.44
CA TRP A 30 -15.63 13.53 -13.24
C TRP A 30 -14.33 13.47 -12.45
N SER A 31 -14.10 12.39 -11.71
CA SER A 31 -12.73 12.06 -11.33
C SER A 31 -12.21 11.02 -12.31
N HIS A 32 -10.90 10.97 -12.41
CA HIS A 32 -10.21 9.91 -13.10
C HIS A 32 -9.40 9.14 -12.06
N ILE A 33 -9.42 7.82 -12.20
CA ILE A 33 -8.79 6.95 -11.18
C ILE A 33 -7.83 6.00 -11.90
N ALA A 34 -6.59 5.95 -11.39
CA ALA A 34 -5.56 5.09 -11.93
C ALA A 34 -4.83 4.42 -10.79
N THR A 35 -3.90 3.52 -11.11
CA THR A 35 -3.13 2.85 -10.08
C THR A 35 -1.68 2.81 -10.45
N GLN A 36 -0.84 2.66 -9.44
CA GLN A 36 0.58 2.51 -9.66
C GLN A 36 1.10 1.53 -8.64
N SER A 37 2.10 0.75 -9.04
CA SER A 37 2.70 -0.22 -8.14
C SER A 37 4.06 0.28 -7.75
N PHE A 38 4.39 0.14 -6.47
CA PHE A 38 5.72 0.50 -6.04
C PHE A 38 5.97 -0.19 -4.73
N ASP A 39 7.21 -0.65 -4.56
CA ASP A 39 7.62 -1.33 -3.35
C ASP A 39 6.72 -2.52 -3.03
N GLY A 40 6.16 -3.13 -4.08
CA GLY A 40 5.37 -4.34 -3.96
C GLY A 40 3.93 -4.16 -3.50
N ALA A 41 3.48 -2.90 -3.42
CA ALA A 41 2.09 -2.57 -3.08
C ALA A 41 1.48 -1.82 -4.25
N VAL A 42 0.16 -1.75 -4.28
CA VAL A 42 -0.54 -1.04 -5.36
C VAL A 42 -1.32 0.09 -4.73
N TYR A 43 -1.19 1.28 -5.32
CA TYR A 43 -1.83 2.49 -4.83
C TYR A 43 -2.76 3.07 -5.86
N PRO A 44 -3.92 3.58 -5.44
CA PRO A 44 -4.82 4.29 -6.35
C PRO A 44 -4.46 5.78 -6.35
N SER A 45 -4.86 6.49 -7.39
CA SER A 45 -4.68 7.93 -7.47
C SER A 45 -5.82 8.55 -8.25
N ASN A 46 -6.24 9.75 -7.84
CA ASN A 46 -7.35 10.50 -8.43
C ASN A 46 -6.86 11.76 -9.08
N GLY A 47 -7.55 12.15 -10.14
CA GLY A 47 -7.54 13.52 -10.65
C GLY A 47 -8.96 13.91 -11.00
N LEU A 48 -9.09 15.06 -11.66
CA LEU A 48 -10.41 15.66 -11.96
C LEU A 48 -10.51 16.03 -13.43
N ILE A 49 -11.73 16.00 -13.97
CA ILE A 49 -12.03 16.46 -15.32
C ILE A 49 -13.27 17.35 -15.17
N VAL A 50 -13.22 18.56 -15.73
CA VAL A 50 -14.30 19.51 -15.61
C VAL A 50 -14.67 19.99 -16.98
N ARG A 51 -15.94 19.88 -17.34
CA ARG A 51 -16.37 20.39 -18.64
C ARG A 51 -16.39 21.92 -18.62
N ASP A 52 -15.89 22.52 -19.71
CA ASP A 52 -15.96 23.94 -19.88
C ASP A 52 -16.48 24.24 -21.27
N GLY A 53 -17.79 24.28 -21.37
CA GLY A 53 -18.45 24.42 -22.65
C GLY A 53 -18.24 23.18 -23.48
N ASP A 54 -17.53 23.31 -24.60
CA ASP A 54 -17.33 22.20 -25.51
C ASP A 54 -15.94 21.62 -25.39
N GLU A 55 -15.25 21.99 -24.33
CA GLU A 55 -13.90 21.50 -24.08
C GLU A 55 -13.82 20.98 -22.65
N LEU A 56 -12.71 20.35 -22.28
CA LEU A 56 -12.51 19.86 -20.94
C LEU A 56 -11.23 20.44 -20.35
N LEU A 57 -11.29 20.68 -19.05
CA LEU A 57 -10.13 20.99 -18.22
C LEU A 57 -9.73 19.75 -17.43
N LEU A 58 -8.45 19.37 -17.44
CA LEU A 58 -7.95 18.25 -16.71
C LEU A 58 -7.18 18.77 -15.48
N ILE A 59 -7.41 18.13 -14.34
CA ILE A 59 -6.69 18.39 -13.13
C ILE A 59 -5.89 17.11 -12.82
N ASP A 60 -4.58 17.26 -12.94
CA ASP A 60 -3.56 16.24 -12.66
C ASP A 60 -3.50 15.14 -13.70
N THR A 61 -2.29 14.61 -13.83
CA THR A 61 -2.07 13.48 -14.69
C THR A 61 -2.54 12.22 -13.97
N ALA A 62 -2.42 11.09 -14.67
CA ALA A 62 -2.84 9.80 -14.11
C ALA A 62 -1.66 8.98 -13.62
N TRP A 63 -0.62 9.68 -13.17
CA TRP A 63 0.53 9.06 -12.54
C TRP A 63 1.31 8.21 -13.53
N GLY A 64 1.93 8.88 -14.47
CA GLY A 64 2.82 8.25 -15.41
C GLY A 64 2.38 8.38 -16.86
N ALA A 65 3.33 8.21 -17.76
CA ALA A 65 3.07 8.31 -19.17
C ALA A 65 2.07 7.30 -19.64
N LYS A 66 2.24 6.01 -19.29
CA LYS A 66 1.34 4.99 -19.81
C LYS A 66 -0.09 5.24 -19.33
N ASN A 67 -0.25 5.51 -18.03
CA ASN A 67 -1.58 5.80 -17.50
C ASN A 67 -2.20 7.03 -18.15
N THR A 68 -1.39 8.06 -18.39
CA THR A 68 -1.90 9.29 -18.93
C THR A 68 -2.34 9.16 -20.40
N ALA A 69 -1.60 8.38 -21.20
CA ALA A 69 -2.06 8.01 -22.51
C ALA A 69 -3.42 7.27 -22.41
N ALA A 70 -3.53 6.33 -21.47
CA ALA A 70 -4.80 5.60 -21.32
C ALA A 70 -5.93 6.54 -20.91
N LEU A 71 -5.60 7.52 -20.08
CA LEU A 71 -6.57 8.53 -19.64
C LEU A 71 -7.12 9.30 -20.84
N LEU A 72 -6.23 9.80 -21.67
CA LEU A 72 -6.70 10.54 -22.84
C LEU A 72 -7.60 9.68 -23.75
N ALA A 73 -7.21 8.43 -23.96
CA ALA A 73 -8.01 7.53 -24.75
C ALA A 73 -9.38 7.23 -24.11
N GLU A 74 -9.42 7.08 -22.78
CA GLU A 74 -10.71 6.86 -22.11
C GLU A 74 -11.61 8.09 -22.16
N ILE A 75 -11.01 9.27 -21.99
CA ILE A 75 -11.77 10.53 -22.13
C ILE A 75 -12.38 10.60 -23.55
N GLU A 76 -11.57 10.32 -24.57
CA GLU A 76 -12.05 10.40 -25.93
C GLU A 76 -13.20 9.42 -26.17
N LYS A 77 -13.07 8.21 -25.63
CA LYS A 77 -14.10 7.20 -25.82
C LYS A 77 -15.40 7.52 -25.06
N GLN A 78 -15.25 7.93 -23.79
CA GLN A 78 -16.43 8.07 -22.92
C GLN A 78 -17.10 9.44 -22.99
N ILE A 79 -16.30 10.49 -23.11
CA ILE A 79 -16.80 11.86 -23.12
C ILE A 79 -16.78 12.51 -24.50
N GLY A 80 -15.68 12.38 -25.23
CA GLY A 80 -15.67 12.79 -26.64
C GLY A 80 -15.50 14.26 -26.88
N LEU A 81 -15.01 14.96 -25.88
CA LEU A 81 -14.68 16.38 -25.96
C LEU A 81 -13.17 16.54 -25.75
N PRO A 82 -12.59 17.58 -26.35
CA PRO A 82 -11.13 17.77 -26.25
C PRO A 82 -10.64 18.32 -24.93
N VAL A 83 -9.58 17.72 -24.42
CA VAL A 83 -8.85 18.26 -23.25
C VAL A 83 -7.93 19.35 -23.77
N THR A 84 -8.26 20.60 -23.47
CA THR A 84 -7.47 21.68 -23.99
C THR A 84 -6.44 22.26 -23.00
N ARG A 85 -6.65 22.07 -21.69
CA ARG A 85 -5.78 22.59 -20.65
C ARG A 85 -5.72 21.56 -19.55
N ALA A 86 -4.58 21.52 -18.86
CA ALA A 86 -4.37 20.66 -17.70
C ALA A 86 -3.61 21.46 -16.64
N VAL A 87 -4.01 21.30 -15.39
CA VAL A 87 -3.35 21.91 -14.24
C VAL A 87 -2.82 20.81 -13.35
N SER A 88 -1.55 20.89 -12.94
CA SER A 88 -0.94 19.97 -11.95
C SER A 88 -0.93 20.69 -10.60
N THR A 89 -1.43 20.00 -9.58
CA THR A 89 -1.69 20.64 -8.30
C THR A 89 -0.51 20.54 -7.35
N HIS A 90 0.50 19.71 -7.60
CA HIS A 90 1.82 19.83 -6.96
C HIS A 90 2.84 19.06 -7.80
N PHE A 91 4.09 19.03 -7.37
CA PHE A 91 5.23 18.60 -8.21
C PHE A 91 5.52 17.11 -8.27
N HIS A 92 4.85 16.30 -7.46
CA HIS A 92 5.13 14.88 -7.45
C HIS A 92 4.64 14.18 -8.71
N ASP A 93 5.21 13.01 -8.94
CA ASP A 93 5.01 12.24 -10.18
C ASP A 93 3.55 11.80 -10.37
N ASP A 94 2.76 11.68 -9.29
CA ASP A 94 1.33 11.39 -9.46
C ASP A 94 0.53 12.55 -10.02
N ARG A 95 1.11 13.74 -10.04
CA ARG A 95 0.49 14.94 -10.53
C ARG A 95 1.02 15.46 -11.87
N VAL A 96 2.32 15.27 -12.08
CA VAL A 96 3.01 15.74 -13.30
C VAL A 96 3.54 14.63 -14.18
N GLY A 97 3.55 13.39 -13.72
CA GLY A 97 4.06 12.28 -14.51
C GLY A 97 3.05 12.00 -15.59
N GLY A 98 3.43 12.20 -16.83
CA GLY A 98 2.47 12.25 -17.92
C GLY A 98 2.30 13.61 -18.59
N VAL A 99 2.88 14.64 -17.99
CA VAL A 99 2.81 15.98 -18.63
C VAL A 99 3.39 15.99 -20.04
N ASP A 100 4.43 15.22 -20.31
CA ASP A 100 5.01 15.23 -21.64
C ASP A 100 4.04 14.59 -22.65
N VAL A 101 3.32 13.57 -22.21
CA VAL A 101 2.28 12.97 -23.03
C VAL A 101 1.16 13.99 -23.35
N LEU A 102 0.70 14.72 -22.34
CA LEU A 102 -0.31 15.75 -22.54
C LEU A 102 0.18 16.78 -23.56
N ARG A 103 1.41 17.25 -23.35
CA ARG A 103 1.99 18.29 -24.20
C ARG A 103 2.10 17.83 -25.63
N ALA A 104 2.54 16.58 -25.84
CA ALA A 104 2.64 16.05 -27.21
C ALA A 104 1.30 15.93 -27.90
N ALA A 105 0.25 15.73 -27.12
CA ALA A 105 -1.10 15.60 -27.64
C ALA A 105 -1.78 16.96 -27.86
N GLY A 106 -1.06 18.05 -27.58
CA GLY A 106 -1.59 19.39 -27.80
C GLY A 106 -2.36 20.02 -26.65
N VAL A 107 -2.28 19.42 -25.48
CA VAL A 107 -2.87 19.97 -24.28
C VAL A 107 -1.90 21.01 -23.68
N ALA A 108 -2.41 22.19 -23.39
CA ALA A 108 -1.63 23.20 -22.68
C ALA A 108 -1.52 22.83 -21.22
N THR A 109 -0.31 22.73 -20.69
CA THR A 109 -0.10 22.34 -19.31
C THR A 109 0.32 23.50 -18.45
N TYR A 110 -0.22 23.51 -17.22
CA TYR A 110 -0.07 24.63 -16.30
C TYR A 110 0.27 24.17 -14.91
N ALA A 111 1.03 24.98 -14.19
CA ALA A 111 1.27 24.75 -12.75
C ALA A 111 1.75 26.07 -12.16
N SER A 112 1.69 26.22 -10.85
CA SER A 112 2.27 27.40 -10.26
C SER A 112 3.79 27.45 -10.48
N PRO A 113 4.37 28.66 -10.39
CA PRO A 113 5.83 28.74 -10.56
C PRO A 113 6.51 27.95 -9.46
N SER A 114 5.91 27.86 -8.29
CA SER A 114 6.46 27.05 -7.19
C SER A 114 6.53 25.57 -7.57
N THR A 115 5.44 25.04 -8.12
CA THR A 115 5.42 23.66 -8.60
C THR A 115 6.43 23.45 -9.73
N ARG A 116 6.49 24.37 -10.69
CA ARG A 116 7.41 24.16 -11.81
C ARG A 116 8.85 24.08 -11.31
N ARG A 117 9.19 24.93 -10.37
CA ARG A 117 10.53 24.95 -9.81
C ARG A 117 10.85 23.64 -9.09
N LEU A 118 9.93 23.18 -8.24
CA LEU A 118 10.20 21.96 -7.49
C LEU A 118 10.23 20.74 -8.39
N ALA A 119 9.41 20.73 -9.45
CA ALA A 119 9.45 19.60 -10.40
C ALA A 119 10.80 19.56 -11.06
N GLU A 120 11.34 20.72 -11.43
CA GLU A 120 12.62 20.75 -12.09
C GLU A 120 13.72 20.25 -11.18
N VAL A 121 13.67 20.62 -9.90
CA VAL A 121 14.69 20.20 -8.94
C VAL A 121 14.66 18.69 -8.76
N GLU A 122 13.45 18.13 -8.82
CA GLU A 122 13.22 16.69 -8.62
C GLU A 122 13.53 15.88 -9.88
N GLY A 123 13.73 16.52 -11.02
CA GLY A 123 13.89 15.83 -12.28
C GLY A 123 12.62 15.29 -12.87
N ASN A 124 11.49 15.84 -12.43
CA ASN A 124 10.20 15.43 -12.92
C ASN A 124 9.80 16.25 -14.12
N GLU A 125 8.70 15.86 -14.76
CA GLU A 125 8.18 16.56 -15.93
C GLU A 125 7.66 17.92 -15.46
N ILE A 126 7.77 18.92 -16.31
CA ILE A 126 7.54 20.34 -15.93
C ILE A 126 6.42 20.90 -16.82
N PRO A 127 5.25 21.24 -16.24
CA PRO A 127 4.19 21.89 -17.01
C PRO A 127 4.71 23.16 -17.68
N THR A 128 4.19 23.47 -18.86
CA THR A 128 4.72 24.58 -19.64
C THR A 128 4.43 25.95 -19.08
N HIS A 129 3.20 26.18 -18.70
CA HIS A 129 2.71 27.49 -18.33
C HIS A 129 2.71 27.67 -16.82
N SER A 130 3.01 28.91 -16.41
CA SER A 130 3.00 29.31 -15.03
C SER A 130 1.73 30.05 -14.63
N LEU A 131 1.10 29.60 -13.56
CA LEU A 131 -0.11 30.23 -13.04
C LEU A 131 0.29 31.31 -12.05
N GLU A 132 -0.05 32.55 -12.37
CA GLU A 132 0.21 33.66 -11.47
C GLU A 132 -0.88 33.76 -10.43
N GLY A 133 -0.58 34.49 -9.34
CA GLY A 133 -1.59 34.85 -8.36
C GLY A 133 -1.84 33.84 -7.25
N LEU A 134 -0.93 32.90 -7.07
CA LEU A 134 -1.12 31.80 -6.11
C LEU A 134 0.06 31.69 -5.15
N SER A 135 0.82 32.76 -5.01
CA SER A 135 2.07 32.67 -4.26
C SER A 135 1.93 32.76 -2.73
N SER A 136 0.82 33.31 -2.23
CA SER A 136 0.65 33.52 -0.80
C SER A 136 -0.54 32.71 -0.32
N SER A 137 -0.38 32.13 0.85
CA SER A 137 -1.45 31.36 1.46
CA SER A 137 -1.45 31.35 1.45
C SER A 137 -2.73 32.17 1.46
N GLY A 138 -3.81 31.53 1.06
CA GLY A 138 -5.10 32.17 0.95
C GLY A 138 -5.41 32.75 -0.41
N ASP A 139 -4.45 32.72 -1.34
CA ASP A 139 -4.70 33.32 -2.67
C ASP A 139 -5.59 32.37 -3.50
N ALA A 140 -6.47 32.96 -4.31
CA ALA A 140 -7.34 32.21 -5.18
C ALA A 140 -7.41 32.90 -6.53
N VAL A 141 -7.50 32.10 -7.59
CA VAL A 141 -7.69 32.62 -8.93
C VAL A 141 -8.70 31.75 -9.64
N ARG A 142 -9.47 32.34 -10.56
CA ARG A 142 -10.29 31.60 -11.45
C ARG A 142 -9.50 31.07 -12.62
N PHE A 143 -9.79 29.83 -13.01
CA PHE A 143 -9.16 29.23 -14.20
C PHE A 143 -10.27 28.47 -14.96
N GLY A 144 -10.86 29.08 -15.97
CA GLY A 144 -11.96 28.44 -16.65
C GLY A 144 -13.09 28.14 -15.68
N PRO A 145 -13.60 26.90 -15.66
CA PRO A 145 -14.78 26.57 -14.84
C PRO A 145 -14.44 26.28 -13.37
N VAL A 146 -13.18 26.45 -12.97
CA VAL A 146 -12.77 26.17 -11.59
C VAL A 146 -12.10 27.36 -10.91
N GLU A 147 -12.05 27.31 -9.58
CA GLU A 147 -11.20 28.19 -8.79
C GLU A 147 -10.03 27.37 -8.30
N LEU A 148 -8.83 27.95 -8.46
CA LEU A 148 -7.60 27.43 -7.88
C LEU A 148 -7.26 28.17 -6.58
N PHE A 149 -6.89 27.45 -5.55
CA PHE A 149 -6.66 28.01 -4.22
C PHE A 149 -5.37 27.46 -3.67
N TYR A 150 -4.51 28.35 -3.18
CA TYR A 150 -3.29 27.93 -2.49
C TYR A 150 -3.54 28.09 -1.01
N PRO A 151 -3.70 26.98 -0.28
CA PRO A 151 -4.10 27.11 1.11
C PRO A 151 -2.92 27.31 2.05
N GLY A 152 -1.72 27.26 1.52
CA GLY A 152 -0.52 27.19 2.35
C GLY A 152 0.12 25.81 2.24
N ALA A 153 1.34 25.69 2.76
CA ALA A 153 2.05 24.44 2.73
C ALA A 153 1.31 23.35 3.52
N ALA A 154 1.37 22.13 3.01
CA ALA A 154 0.68 21.00 3.66
C ALA A 154 1.39 19.72 3.30
N HIS A 155 0.83 18.91 2.40
CA HIS A 155 1.50 17.72 1.90
C HIS A 155 2.80 18.10 1.19
N SER A 156 2.76 19.26 0.54
CA SER A 156 3.91 19.86 -0.09
C SER A 156 3.85 21.37 0.07
N THR A 157 4.95 22.09 -0.21
CA THR A 157 4.90 23.53 -0.07
C THR A 157 4.10 24.23 -1.15
N ASP A 158 3.90 23.56 -2.27
CA ASP A 158 3.25 24.09 -3.48
C ASP A 158 1.79 23.65 -3.68
N ASN A 159 1.25 22.80 -2.83
CA ASN A 159 0.00 22.13 -3.12
C ASN A 159 -1.15 23.10 -3.32
N LEU A 160 -1.87 22.89 -4.42
CA LEU A 160 -3.10 23.62 -4.72
C LEU A 160 -4.31 22.76 -4.49
N VAL A 161 -5.42 23.43 -4.19
CA VAL A 161 -6.72 22.77 -4.21
C VAL A 161 -7.59 23.41 -5.31
N VAL A 162 -8.61 22.67 -5.74
CA VAL A 162 -9.44 23.11 -6.87
C VAL A 162 -10.90 23.02 -6.47
N TYR A 163 -11.68 24.05 -6.73
CA TYR A 163 -13.10 24.04 -6.43
C TYR A 163 -13.90 24.26 -7.69
N VAL A 164 -14.95 23.46 -7.86
CA VAL A 164 -15.88 23.61 -9.00
C VAL A 164 -17.18 24.25 -8.49
N PRO A 165 -17.35 25.57 -8.67
CA PRO A 165 -18.50 26.21 -8.02
C PRO A 165 -19.86 25.76 -8.52
N SER A 166 -19.98 25.40 -9.79
CA SER A 166 -21.27 24.99 -10.32
C SER A 166 -21.76 23.68 -9.72
N ALA A 167 -20.81 22.85 -9.25
CA ALA A 167 -21.13 21.51 -8.74
C ALA A 167 -20.85 21.32 -7.23
N SER A 168 -20.31 22.35 -6.57
CA SER A 168 -19.90 22.25 -5.15
C SER A 168 -18.94 21.10 -4.89
N VAL A 169 -17.99 20.91 -5.80
CA VAL A 169 -16.97 19.86 -5.72
C VAL A 169 -15.66 20.48 -5.34
N LEU A 170 -15.10 20.01 -4.23
CA LEU A 170 -13.78 20.41 -3.80
C LEU A 170 -12.78 19.29 -4.00
N TYR A 171 -11.75 19.54 -4.78
CA TYR A 171 -10.70 18.55 -5.06
C TYR A 171 -9.54 18.97 -4.22
N GLY A 172 -9.31 18.21 -3.18
CA GLY A 172 -8.29 18.54 -2.22
C GLY A 172 -6.89 18.14 -2.63
N GLY A 173 -6.78 17.23 -3.57
CA GLY A 173 -5.52 16.68 -3.97
C GLY A 173 -4.84 16.03 -2.78
N CYS A 174 -3.52 15.94 -2.80
CA CYS A 174 -2.83 15.13 -1.80
C CYS A 174 -2.68 15.75 -0.43
N ALA A 175 -3.09 17.00 -0.29
CA ALA A 175 -3.21 17.64 1.04
C ALA A 175 -4.35 17.09 1.86
N ILE A 176 -5.27 16.36 1.21
CA ILE A 176 -6.43 15.78 1.91
C ILE A 176 -6.38 14.27 1.78
N TYR A 177 -6.46 13.58 2.91
CA TYR A 177 -6.42 12.12 2.95
C TYR A 177 -7.84 11.56 2.96
N GLU A 178 -7.99 10.40 2.32
CA GLU A 178 -9.19 9.62 2.47
C GLU A 178 -9.35 9.07 3.89
N LEU A 179 -10.59 8.79 4.27
CA LEU A 179 -10.87 8.31 5.63
C LEU A 179 -10.19 7.01 6.02
N SER A 180 -9.99 6.09 5.07
CA SER A 180 -9.39 4.82 5.40
C SER A 180 -7.87 4.94 5.63
N ARG A 181 -7.29 6.09 5.32
CA ARG A 181 -5.88 6.32 5.55
C ARG A 181 -5.68 6.92 6.91
N THR A 182 -5.08 6.14 7.80
CA THR A 182 -5.00 6.51 9.20
C THR A 182 -3.58 6.86 9.63
N SER A 183 -2.60 6.66 8.76
CA SER A 183 -1.22 7.02 9.10
C SER A 183 -0.71 7.96 8.03
N ALA A 184 0.24 8.80 8.38
CA ALA A 184 0.73 9.79 7.45
C ALA A 184 1.55 8.99 6.48
N GLY A 185 1.43 9.28 5.20
CA GLY A 185 2.23 8.49 4.28
C GLY A 185 3.69 8.89 4.32
N ASN A 186 4.17 9.24 3.14
CA ASN A 186 5.46 9.83 2.95
C ASN A 186 5.26 11.32 3.12
N VAL A 187 5.90 11.86 4.14
CA VAL A 187 5.77 13.28 4.40
C VAL A 187 7.11 13.95 4.19
N ALA A 188 7.94 13.35 3.36
CA ALA A 188 9.28 13.88 3.12
C ALA A 188 9.29 15.35 2.70
N ASP A 189 8.29 15.75 1.93
CA ASP A 189 8.20 17.13 1.40
C ASP A 189 7.14 18.00 2.09
N ALA A 190 6.55 17.48 3.17
CA ALA A 190 5.44 18.16 3.84
C ALA A 190 5.92 19.24 4.81
N ASP A 191 5.00 20.13 5.13
CA ASP A 191 5.19 21.07 6.21
C ASP A 191 4.16 20.68 7.27
N LEU A 192 4.56 19.77 8.15
CA LEU A 192 3.68 19.25 9.17
C LEU A 192 3.20 20.37 10.08
N ALA A 193 4.07 21.35 10.31
CA ALA A 193 3.75 22.44 11.25
C ALA A 193 2.60 23.31 10.75
N GLU A 194 2.55 23.47 9.43
CA GLU A 194 1.56 24.34 8.78
C GLU A 194 0.34 23.63 8.24
N TRP A 195 0.43 22.31 8.14
CA TRP A 195 -0.62 21.58 7.43
C TRP A 195 -2.01 21.80 8.06
N PRO A 196 -2.15 21.68 9.41
CA PRO A 196 -3.49 21.94 9.94
C PRO A 196 -4.00 23.34 9.67
N THR A 197 -3.13 24.36 9.74
CA THR A 197 -3.58 25.72 9.44
C THR A 197 -4.02 25.85 7.98
N SER A 198 -3.31 25.18 7.08
CA SER A 198 -3.67 25.22 5.66
C SER A 198 -5.02 24.55 5.43
N ILE A 199 -5.28 23.47 6.15
CA ILE A 199 -6.58 22.82 6.09
C ILE A 199 -7.68 23.73 6.57
N GLU A 200 -7.44 24.46 7.64
CA GLU A 200 -8.44 25.40 8.15
C GLU A 200 -8.74 26.49 7.11
N ARG A 201 -7.73 26.91 6.32
CA ARG A 201 -7.99 27.87 5.25
C ARG A 201 -8.94 27.29 4.21
N ILE A 202 -8.80 26.01 3.91
CA ILE A 202 -9.69 25.37 2.93
C ILE A 202 -11.11 25.35 3.48
N GLN A 203 -11.25 24.96 4.74
CA GLN A 203 -12.56 24.94 5.37
C GLN A 203 -13.21 26.32 5.35
N GLN A 204 -12.45 27.36 5.64
CA GLN A 204 -13.00 28.71 5.68
C GLN A 204 -13.45 29.19 4.30
N HIS A 205 -12.70 28.82 3.27
CA HIS A 205 -12.97 29.30 1.93
C HIS A 205 -14.09 28.51 1.22
N TYR A 206 -14.23 27.23 1.55
CA TYR A 206 -15.15 26.31 0.88
C TYR A 206 -16.07 25.57 1.83
N PRO A 207 -16.78 26.31 2.71
CA PRO A 207 -17.61 25.63 3.69
C PRO A 207 -18.83 24.98 3.07
N GLU A 208 -19.21 25.39 1.86
CA GLU A 208 -20.39 24.89 1.21
C GLU A 208 -20.10 23.64 0.35
N ALA A 209 -18.87 23.16 0.32
CA ALA A 209 -18.55 22.00 -0.53
C ALA A 209 -19.36 20.80 -0.12
N GLN A 210 -19.81 20.07 -1.13
CA GLN A 210 -20.69 18.93 -0.93
C GLN A 210 -19.98 17.61 -1.22
N PHE A 211 -18.92 17.68 -2.03
CA PHE A 211 -18.13 16.52 -2.42
C PHE A 211 -16.68 16.92 -2.21
N VAL A 212 -15.92 16.08 -1.56
CA VAL A 212 -14.49 16.33 -1.30
C VAL A 212 -13.72 15.15 -1.82
N ILE A 213 -12.80 15.42 -2.76
CA ILE A 213 -12.02 14.38 -3.44
C ILE A 213 -10.58 14.46 -2.96
N PRO A 214 -10.09 13.38 -2.33
CA PRO A 214 -8.68 13.34 -1.96
C PRO A 214 -7.79 12.96 -3.15
N GLY A 215 -6.49 13.18 -3.03
CA GLY A 215 -5.62 12.79 -4.13
C GLY A 215 -5.55 11.28 -4.32
N HIS A 216 -5.80 10.50 -3.26
CA HIS A 216 -5.75 9.03 -3.28
C HIS A 216 -6.94 8.49 -2.53
N GLY A 217 -7.76 7.67 -3.19
CA GLY A 217 -8.81 6.97 -2.47
C GLY A 217 -10.20 7.56 -2.59
N LEU A 218 -11.04 7.23 -1.64
CA LEU A 218 -12.50 7.42 -1.75
C LEU A 218 -12.90 8.85 -1.45
N PRO A 219 -13.71 9.47 -2.31
CA PRO A 219 -14.29 10.75 -1.92
C PRO A 219 -15.22 10.67 -0.71
N GLY A 220 -15.49 11.84 -0.17
CA GLY A 220 -16.42 11.96 0.95
C GLY A 220 -16.92 13.38 1.03
N GLY A 221 -17.18 13.84 2.25
CA GLY A 221 -17.60 15.22 2.49
C GLY A 221 -16.52 16.00 3.20
N LEU A 222 -16.90 17.12 3.78
CA LEU A 222 -15.91 17.96 4.41
C LEU A 222 -15.27 17.33 5.63
N ASP A 223 -15.86 16.26 6.16
CA ASP A 223 -15.20 15.48 7.25
C ASP A 223 -13.79 15.04 6.91
N LEU A 224 -13.44 14.95 5.62
CA LEU A 224 -12.09 14.52 5.26
C LEU A 224 -11.07 15.54 5.72
N LEU A 225 -11.47 16.79 5.84
CA LEU A 225 -10.53 17.82 6.26
CA LEU A 225 -10.53 17.82 6.26
C LEU A 225 -10.12 17.58 7.71
N LYS A 226 -11.09 17.46 8.62
CA LYS A 226 -10.73 17.24 10.02
CA LYS A 226 -10.73 17.24 10.01
C LYS A 226 -10.04 15.89 10.18
N HIS A 227 -10.44 14.91 9.38
CA HIS A 227 -9.74 13.63 9.40
C HIS A 227 -8.25 13.80 9.13
N THR A 228 -7.92 14.54 8.07
CA THR A 228 -6.54 14.74 7.72
C THR A 228 -5.78 15.46 8.84
N THR A 229 -6.40 16.47 9.42
CA THR A 229 -5.80 17.17 10.54
C THR A 229 -5.48 16.20 11.68
N ASN A 230 -6.40 15.28 11.97
CA ASN A 230 -6.17 14.33 13.05
CA ASN A 230 -6.18 14.30 13.05
C ASN A 230 -4.97 13.44 12.72
N VAL A 231 -4.89 12.95 11.49
CA VAL A 231 -3.76 12.07 11.10
C VAL A 231 -2.45 12.83 11.17
N VAL A 232 -2.43 14.05 10.68
CA VAL A 232 -1.20 14.84 10.65
C VAL A 232 -0.70 15.15 12.06
N LYS A 233 -1.63 15.55 12.92
CA LYS A 233 -1.29 15.85 14.31
C LYS A 233 -0.79 14.61 15.04
N ALA A 234 -1.41 13.46 14.79
CA ALA A 234 -0.90 12.22 15.41
C ALA A 234 0.48 11.89 14.93
N HIS A 235 0.75 12.12 13.65
CA HIS A 235 2.07 11.87 13.14
C HIS A 235 3.06 12.82 13.76
N THR A 236 2.66 14.08 13.89
CA THR A 236 3.52 15.10 14.47
C THR A 236 3.98 14.68 15.85
N ASN A 237 3.07 14.08 16.59
CA ASN A 237 3.35 13.68 17.97
C ASN A 237 3.99 12.29 18.06
N ARG A 238 4.28 11.65 16.93
CA ARG A 238 4.81 10.27 16.89
C ARG A 238 6.01 10.03 17.81
N GLU B 8 4.41 -15.72 -13.56
CA GLU B 8 4.12 -17.05 -13.04
C GLU B 8 3.59 -16.98 -11.60
N TYR B 9 4.38 -16.40 -10.69
CA TYR B 9 3.95 -16.22 -9.30
C TYR B 9 2.89 -15.13 -9.32
N PRO B 10 1.74 -15.37 -8.67
CA PRO B 10 0.69 -14.37 -8.68
C PRO B 10 1.10 -13.12 -7.94
N THR B 11 0.90 -12.01 -8.61
CA THR B 11 1.30 -10.76 -8.06
C THR B 11 0.08 -10.05 -7.53
N VAL B 12 0.34 -9.04 -6.71
CA VAL B 12 -0.70 -8.36 -5.99
C VAL B 12 -1.82 -7.87 -6.91
N SER B 13 -1.51 -7.71 -8.19
CA SER B 13 -2.43 -7.18 -9.20
C SER B 13 -3.42 -8.20 -9.79
N GLU B 14 -3.19 -9.48 -9.57
CA GLU B 14 -4.01 -10.55 -10.17
C GLU B 14 -4.97 -11.20 -9.18
N ILE B 15 -5.01 -10.70 -7.95
CA ILE B 15 -5.83 -11.31 -6.91
C ILE B 15 -6.75 -10.28 -6.27
N PRO B 16 -8.06 -10.39 -6.54
CA PRO B 16 -9.02 -9.53 -5.85
C PRO B 16 -9.00 -9.81 -4.36
N VAL B 17 -9.17 -8.79 -3.52
CA VAL B 17 -9.25 -9.02 -2.09
C VAL B 17 -10.46 -9.94 -1.88
N GLY B 18 -10.24 -11.05 -1.17
CA GLY B 18 -11.27 -12.05 -0.94
C GLY B 18 -10.92 -13.36 -1.61
N GLU B 19 -10.05 -13.31 -2.61
CA GLU B 19 -9.64 -14.52 -3.35
C GLU B 19 -8.26 -14.98 -2.89
N VAL B 20 -8.03 -16.29 -3.01
CA VAL B 20 -6.73 -16.85 -2.68
C VAL B 20 -6.22 -17.69 -3.82
N ARG B 21 -4.92 -17.59 -4.09
CA ARG B 21 -4.23 -18.44 -5.05
C ARG B 21 -3.29 -19.39 -4.33
N LEU B 22 -3.04 -20.54 -4.94
CA LEU B 22 -2.00 -21.44 -4.49
C LEU B 22 -0.94 -21.46 -5.56
N TYR B 23 0.31 -21.65 -5.16
CA TYR B 23 1.43 -21.74 -6.09
C TYR B 23 2.30 -22.91 -5.67
N GLN B 24 2.45 -23.89 -6.54
CA GLN B 24 3.19 -25.09 -6.16
C GLN B 24 4.68 -24.83 -6.35
N ILE B 25 5.44 -24.98 -5.27
CA ILE B 25 6.87 -24.68 -5.27
C ILE B 25 7.62 -25.98 -5.49
N ALA B 26 7.18 -27.03 -4.82
CA ALA B 26 7.85 -28.32 -4.94
C ALA B 26 6.86 -29.40 -4.72
N ASP B 27 7.29 -30.64 -4.87
CA ASP B 27 6.46 -31.77 -4.50
C ASP B 27 6.02 -31.61 -3.05
N GLY B 28 4.70 -31.47 -2.85
CA GLY B 28 4.12 -31.40 -1.52
C GLY B 28 4.36 -30.08 -0.80
N VAL B 29 4.78 -29.04 -1.53
CA VAL B 29 4.97 -27.71 -0.94
C VAL B 29 4.35 -26.66 -1.82
N TRP B 30 3.50 -25.81 -1.23
CA TRP B 30 2.82 -24.74 -1.93
C TRP B 30 2.92 -23.47 -1.13
N SER B 31 2.92 -22.34 -1.80
CA SER B 31 2.58 -21.11 -1.07
C SER B 31 1.11 -20.77 -1.34
N HIS B 32 0.53 -20.03 -0.40
CA HIS B 32 -0.77 -19.43 -0.57
C HIS B 32 -0.61 -17.92 -0.60
N ILE B 33 -1.36 -17.29 -1.50
CA ILE B 33 -1.25 -15.86 -1.74
C ILE B 33 -2.64 -15.24 -1.65
N ALA B 34 -2.74 -14.19 -0.86
CA ALA B 34 -3.97 -13.43 -0.72
C ALA B 34 -3.62 -11.96 -0.79
N THR B 35 -4.63 -11.11 -0.77
CA THR B 35 -4.41 -9.68 -0.77
C THR B 35 -5.29 -9.04 0.27
N GLN B 36 -4.91 -7.83 0.67
CA GLN B 36 -5.66 -7.12 1.66
C GLN B 36 -5.46 -5.63 1.50
N SER B 37 -6.53 -4.88 1.78
CA SER B 37 -6.47 -3.44 1.79
C SER B 37 -6.01 -3.00 3.16
N PHE B 38 -5.09 -2.05 3.21
CA PHE B 38 -4.51 -1.65 4.47
C PHE B 38 -4.02 -0.23 4.30
N ASP B 39 -4.67 0.69 5.05
CA ASP B 39 -4.27 2.09 5.12
C ASP B 39 -4.08 2.77 3.77
N GLY B 40 -5.01 2.53 2.85
CA GLY B 40 -5.01 3.23 1.57
C GLY B 40 -4.34 2.54 0.39
N ALA B 41 -3.82 1.32 0.61
CA ALA B 41 -3.16 0.55 -0.46
C ALA B 41 -3.56 -0.91 -0.40
N VAL B 42 -3.18 -1.67 -1.42
CA VAL B 42 -3.40 -3.12 -1.44
C VAL B 42 -2.07 -3.81 -1.43
N TYR B 43 -1.97 -4.80 -0.55
CA TYR B 43 -0.74 -5.57 -0.33
C TYR B 43 -1.03 -7.06 -0.54
N PRO B 44 -0.06 -7.77 -1.12
CA PRO B 44 -0.19 -9.24 -1.15
C PRO B 44 0.40 -9.82 0.13
N SER B 45 0.09 -11.08 0.42
CA SER B 45 0.61 -11.75 1.59
C SER B 45 0.73 -13.22 1.28
N ASN B 46 1.81 -13.83 1.74
CA ASN B 46 2.07 -15.26 1.50
C ASN B 46 1.98 -16.06 2.78
N GLY B 47 1.61 -17.32 2.63
CA GLY B 47 1.83 -18.34 3.64
C GLY B 47 2.30 -19.60 2.94
N LEU B 48 2.36 -20.69 3.70
CA LEU B 48 2.90 -21.95 3.18
C LEU B 48 1.98 -23.13 3.50
N ILE B 49 2.02 -24.15 2.66
CA ILE B 49 1.28 -25.38 2.87
C ILE B 49 2.27 -26.50 2.61
N VAL B 50 2.36 -27.47 3.52
CA VAL B 50 3.31 -28.55 3.38
C VAL B 50 2.57 -29.87 3.62
N ARG B 51 2.68 -30.80 2.67
CA ARG B 51 2.05 -32.07 2.80
C ARG B 51 2.77 -32.89 3.89
N ASP B 52 1.97 -33.52 4.76
CA ASP B 52 2.41 -34.23 5.97
C ASP B 52 1.72 -35.62 5.94
N GLY B 53 2.22 -36.53 5.12
CA GLY B 53 1.55 -37.80 4.88
C GLY B 53 0.31 -37.59 4.02
N ASP B 54 -0.85 -37.91 4.57
CA ASP B 54 -2.12 -37.66 3.89
C ASP B 54 -2.88 -36.50 4.52
N GLU B 55 -2.15 -35.64 5.23
CA GLU B 55 -2.68 -34.44 5.85
C GLU B 55 -1.80 -33.26 5.40
N LEU B 56 -2.25 -32.06 5.71
CA LEU B 56 -1.47 -30.84 5.40
C LEU B 56 -1.19 -30.05 6.66
N LEU B 57 -0.01 -29.45 6.66
CA LEU B 57 0.41 -28.44 7.63
C LEU B 57 0.30 -27.06 6.98
N LEU B 58 -0.40 -26.15 7.64
CA LEU B 58 -0.51 -24.78 7.16
C LEU B 58 0.39 -23.86 7.94
N ILE B 59 1.14 -22.99 7.25
CA ILE B 59 1.89 -21.91 7.86
C ILE B 59 1.23 -20.61 7.48
N ASP B 60 0.70 -19.97 8.51
CA ASP B 60 0.05 -18.65 8.48
C ASP B 60 -1.33 -18.63 7.85
N THR B 61 -2.17 -17.75 8.36
CA THR B 61 -3.50 -17.55 7.79
C THR B 61 -3.38 -16.72 6.51
N ALA B 62 -4.50 -16.45 5.87
CA ALA B 62 -4.51 -15.66 4.62
C ALA B 62 -4.95 -14.21 4.90
N TRP B 63 -4.68 -13.69 6.10
CA TRP B 63 -4.94 -12.28 6.46
C TRP B 63 -6.43 -11.97 6.53
N GLY B 64 -7.06 -12.56 7.52
CA GLY B 64 -8.46 -12.30 7.81
C GLY B 64 -9.34 -13.51 7.64
N ALA B 65 -10.50 -13.45 8.26
CA ALA B 65 -11.45 -14.55 8.23
C ALA B 65 -11.95 -14.89 6.84
N LYS B 66 -12.31 -13.88 6.05
CA LYS B 66 -12.86 -14.11 4.74
C LYS B 66 -11.83 -14.77 3.85
N ASN B 67 -10.62 -14.24 3.86
CA ASN B 67 -9.54 -14.79 3.05
C ASN B 67 -9.22 -16.21 3.51
N THR B 68 -9.22 -16.45 4.82
CA THR B 68 -8.89 -17.78 5.31
C THR B 68 -9.94 -18.83 4.99
N ALA B 69 -11.22 -18.47 5.00
CA ALA B 69 -12.25 -19.38 4.51
C ALA B 69 -12.01 -19.71 3.04
N ALA B 70 -11.62 -18.72 2.25
CA ALA B 70 -11.37 -18.93 0.84
C ALA B 70 -10.14 -19.85 0.68
N LEU B 71 -9.17 -19.68 1.57
CA LEU B 71 -7.97 -20.51 1.54
C LEU B 71 -8.32 -21.99 1.77
N LEU B 72 -9.16 -22.27 2.76
CA LEU B 72 -9.55 -23.65 3.00
C LEU B 72 -10.30 -24.23 1.79
N ALA B 73 -11.17 -23.43 1.19
CA ALA B 73 -11.91 -23.87 0.01
C ALA B 73 -10.99 -24.15 -1.18
N GLU B 74 -9.97 -23.32 -1.37
CA GLU B 74 -9.03 -23.48 -2.47
C GLU B 74 -8.16 -24.71 -2.24
N ILE B 75 -7.77 -24.93 -0.99
CA ILE B 75 -7.03 -26.16 -0.66
C ILE B 75 -7.90 -27.40 -0.92
N GLU B 76 -9.17 -27.37 -0.54
CA GLU B 76 -10.02 -28.54 -0.83
C GLU B 76 -10.16 -28.79 -2.33
N LYS B 77 -10.32 -27.71 -3.11
CA LYS B 77 -10.46 -27.81 -4.55
C LYS B 77 -9.19 -28.29 -5.25
N GLN B 78 -8.05 -27.69 -4.89
CA GLN B 78 -6.83 -27.93 -5.64
C GLN B 78 -5.97 -29.07 -5.09
N ILE B 79 -6.09 -29.35 -3.80
CA ILE B 79 -5.26 -30.40 -3.18
C ILE B 79 -6.11 -31.56 -2.63
N GLY B 80 -7.16 -31.26 -1.88
CA GLY B 80 -8.12 -32.28 -1.49
C GLY B 80 -7.73 -33.11 -0.27
N LEU B 81 -6.76 -32.61 0.51
CA LEU B 81 -6.31 -33.26 1.74
C LEU B 81 -6.63 -32.32 2.89
N PRO B 82 -6.90 -32.88 4.09
CA PRO B 82 -7.29 -32.02 5.20
C PRO B 82 -6.12 -31.29 5.85
N VAL B 83 -6.34 -30.03 6.23
CA VAL B 83 -5.38 -29.27 7.04
C VAL B 83 -5.64 -29.66 8.50
N THR B 84 -4.65 -30.25 9.14
CA THR B 84 -4.81 -30.74 10.50
C THR B 84 -4.13 -29.84 11.52
N ARG B 85 -3.06 -29.15 11.11
CA ARG B 85 -2.36 -28.25 11.99
C ARG B 85 -2.00 -26.99 11.26
N ALA B 86 -1.89 -25.90 12.02
CA ALA B 86 -1.43 -24.61 11.48
C ALA B 86 -0.49 -23.95 12.47
N VAL B 87 0.54 -23.28 11.97
CA VAL B 87 1.46 -22.50 12.75
C VAL B 87 1.41 -21.05 12.28
N SER B 88 1.25 -20.11 13.21
CA SER B 88 1.40 -18.71 12.96
C SER B 88 2.77 -18.23 13.36
N THR B 89 3.41 -17.50 12.44
CA THR B 89 4.84 -17.16 12.57
C THR B 89 5.14 -15.85 13.30
N HIS B 90 4.11 -15.02 13.48
CA HIS B 90 4.14 -13.91 14.43
C HIS B 90 2.75 -13.42 14.69
N PHE B 91 2.61 -12.39 15.53
CA PHE B 91 1.31 -12.04 16.05
C PHE B 91 0.41 -11.12 15.25
N HIS B 92 0.90 -10.59 14.13
CA HIS B 92 0.15 -9.65 13.33
C HIS B 92 -1.02 -10.33 12.61
N ASP B 93 -1.98 -9.51 12.20
CA ASP B 93 -3.22 -10.02 11.60
C ASP B 93 -3.01 -10.78 10.30
N ASP B 94 -1.91 -10.51 9.57
CA ASP B 94 -1.65 -11.28 8.35
C ASP B 94 -1.22 -12.71 8.63
N ARG B 95 -0.89 -13.01 9.90
CA ARG B 95 -0.43 -14.33 10.31
C ARG B 95 -1.45 -15.09 11.19
N VAL B 96 -2.24 -14.36 11.97
CA VAL B 96 -3.25 -14.94 12.86
C VAL B 96 -4.69 -14.58 12.52
N GLY B 97 -4.90 -13.61 11.66
CA GLY B 97 -6.26 -13.25 11.33
C GLY B 97 -6.87 -14.36 10.52
N GLY B 98 -7.90 -15.01 11.05
CA GLY B 98 -8.36 -16.25 10.45
C GLY B 98 -8.16 -17.47 11.31
N VAL B 99 -7.45 -17.35 12.43
CA VAL B 99 -7.24 -18.49 13.31
C VAL B 99 -8.58 -19.07 13.82
N ASP B 100 -9.58 -18.23 14.07
CA ASP B 100 -10.87 -18.76 14.53
C ASP B 100 -11.58 -19.58 13.44
N VAL B 101 -11.43 -19.18 12.18
CA VAL B 101 -11.98 -19.95 11.06
C VAL B 101 -11.29 -21.32 11.04
N LEU B 102 -9.97 -21.35 11.21
CA LEU B 102 -9.24 -22.58 11.19
C LEU B 102 -9.73 -23.47 12.33
N ARG B 103 -9.86 -22.89 13.52
CA ARG B 103 -10.21 -23.67 14.70
C ARG B 103 -11.59 -24.26 14.56
N ALA B 104 -12.53 -23.47 14.03
CA ALA B 104 -13.89 -23.98 13.80
C ALA B 104 -13.93 -25.14 12.83
N ALA B 105 -12.95 -25.19 11.93
CA ALA B 105 -12.90 -26.22 10.91
C ALA B 105 -12.17 -27.46 11.42
N GLY B 106 -11.73 -27.43 12.69
CA GLY B 106 -11.06 -28.56 13.31
C GLY B 106 -9.55 -28.60 13.19
N VAL B 107 -8.95 -27.48 12.77
CA VAL B 107 -7.51 -27.35 12.66
C VAL B 107 -6.92 -27.04 14.04
N ALA B 108 -5.84 -27.72 14.40
CA ALA B 108 -5.15 -27.39 15.62
C ALA B 108 -4.18 -26.27 15.32
N THR B 109 -4.39 -25.14 15.95
CA THR B 109 -3.61 -23.92 15.71
C THR B 109 -2.57 -23.72 16.77
N TYR B 110 -1.34 -23.42 16.31
CA TYR B 110 -0.15 -23.29 17.13
C TYR B 110 0.57 -21.95 16.94
N ALA B 111 1.21 -21.47 18.02
CA ALA B 111 2.17 -20.38 17.93
C ALA B 111 3.09 -20.47 19.15
N SER B 112 4.18 -19.73 19.12
CA SER B 112 5.01 -19.69 20.32
C SER B 112 4.30 -18.97 21.46
N PRO B 113 4.72 -19.22 22.70
CA PRO B 113 4.10 -18.45 23.79
C PRO B 113 4.27 -16.94 23.63
N SER B 114 5.41 -16.50 23.09
CA SER B 114 5.64 -15.10 22.80
C SER B 114 4.55 -14.58 21.85
N THR B 115 4.31 -15.30 20.77
CA THR B 115 3.30 -14.83 19.80
C THR B 115 1.90 -14.77 20.45
N ARG B 116 1.54 -15.79 21.18
CA ARG B 116 0.24 -15.83 21.85
C ARG B 116 0.04 -14.67 22.83
N ARG B 117 1.08 -14.34 23.57
CA ARG B 117 1.10 -13.23 24.52
CA ARG B 117 1.07 -13.21 24.52
C ARG B 117 0.87 -11.91 23.78
N LEU B 118 1.66 -11.70 22.73
CA LEU B 118 1.56 -10.44 21.99
C LEU B 118 0.23 -10.31 21.23
N ALA B 119 -0.30 -11.41 20.66
CA ALA B 119 -1.61 -11.39 20.01
C ALA B 119 -2.70 -10.98 21.01
N GLU B 120 -2.65 -11.55 22.19
CA GLU B 120 -3.65 -11.20 23.21
C GLU B 120 -3.60 -9.69 23.57
N VAL B 121 -2.40 -9.15 23.76
CA VAL B 121 -2.25 -7.74 24.09
C VAL B 121 -2.84 -6.87 22.97
N GLU B 122 -2.57 -7.25 21.73
CA GLU B 122 -2.94 -6.47 20.57
C GLU B 122 -4.43 -6.58 20.25
N GLY B 123 -5.06 -7.63 20.75
CA GLY B 123 -6.43 -7.90 20.42
C GLY B 123 -6.62 -8.72 19.18
N ASN B 124 -5.57 -9.44 18.77
CA ASN B 124 -5.67 -10.27 17.59
C ASN B 124 -6.05 -11.70 18.00
N GLU B 125 -6.42 -12.52 17.02
CA GLU B 125 -6.79 -13.92 17.30
C GLU B 125 -5.58 -14.67 17.86
N ILE B 126 -5.85 -15.64 18.75
CA ILE B 126 -4.80 -16.30 19.53
C ILE B 126 -4.82 -17.83 19.21
N PRO B 127 -3.78 -18.33 18.52
CA PRO B 127 -3.70 -19.78 18.33
C PRO B 127 -3.80 -20.53 19.66
N THR B 128 -4.38 -21.72 19.61
CA THR B 128 -4.70 -22.44 20.82
C THR B 128 -3.45 -23.07 21.49
N HIS B 129 -2.65 -23.78 20.70
CA HIS B 129 -1.55 -24.57 21.22
C HIS B 129 -0.25 -23.77 21.22
N SER B 130 0.65 -24.13 22.15
CA SER B 130 1.92 -23.44 22.32
C SER B 130 3.07 -24.26 21.75
N LEU B 131 3.95 -23.59 21.04
CA LEU B 131 5.18 -24.22 20.55
C LEU B 131 6.30 -23.96 21.55
N GLU B 132 6.79 -25.01 22.20
CA GLU B 132 7.84 -24.86 23.19
C GLU B 132 9.20 -24.96 22.52
N GLY B 133 10.24 -24.50 23.19
CA GLY B 133 11.59 -24.72 22.70
C GLY B 133 12.13 -23.67 21.74
N LEU B 134 11.48 -22.51 21.68
CA LEU B 134 11.84 -21.50 20.70
C LEU B 134 12.07 -20.13 21.29
N SER B 135 12.23 -20.00 22.60
CA SER B 135 12.33 -18.66 23.16
C SER B 135 13.70 -17.98 23.05
N SER B 136 14.74 -18.73 22.72
CA SER B 136 16.09 -18.18 22.63
CA SER B 136 16.09 -18.18 22.64
C SER B 136 16.53 -18.10 21.19
N SER B 137 17.17 -16.99 20.80
CA SER B 137 17.60 -16.82 19.41
C SER B 137 18.51 -17.96 19.02
N GLY B 138 18.26 -18.52 17.84
CA GLY B 138 19.00 -19.69 17.38
C GLY B 138 18.35 -21.03 17.71
N ASP B 139 17.23 -21.01 18.43
CA ASP B 139 16.52 -22.25 18.81
C ASP B 139 15.81 -22.81 17.55
N ALA B 140 15.85 -24.14 17.40
CA ALA B 140 15.13 -24.83 16.34
C ALA B 140 14.43 -26.04 16.92
N VAL B 141 13.21 -26.29 16.41
CA VAL B 141 12.47 -27.49 16.77
C VAL B 141 11.85 -28.12 15.54
N ARG B 142 11.74 -29.46 15.50
CA ARG B 142 11.03 -30.09 14.43
C ARG B 142 9.53 -30.01 14.65
N PHE B 143 8.77 -29.84 13.55
CA PHE B 143 7.32 -29.87 13.59
C PHE B 143 6.86 -30.64 12.37
N GLY B 144 6.91 -31.96 12.46
CA GLY B 144 6.55 -32.81 11.34
C GLY B 144 7.49 -32.60 10.16
N PRO B 145 6.94 -32.23 9.00
CA PRO B 145 7.77 -32.10 7.78
C PRO B 145 8.58 -30.81 7.70
N VAL B 146 8.50 -29.94 8.72
CA VAL B 146 9.28 -28.73 8.75
C VAL B 146 10.12 -28.61 10.00
N GLU B 147 11.06 -27.69 9.93
CA GLU B 147 11.76 -27.21 11.10
C GLU B 147 11.33 -25.77 11.35
N LEU B 148 11.10 -25.44 12.62
CA LEU B 148 10.77 -24.09 13.03
C LEU B 148 12.01 -23.51 13.68
N PHE B 149 12.32 -22.25 13.37
CA PHE B 149 13.53 -21.59 13.84
C PHE B 149 13.21 -20.20 14.34
N TYR B 150 13.70 -19.87 15.53
CA TYR B 150 13.56 -18.51 16.05
C TYR B 150 14.91 -17.84 15.85
N PRO B 151 15.00 -16.88 14.91
CA PRO B 151 16.28 -16.30 14.61
C PRO B 151 16.68 -15.11 15.46
N GLY B 152 15.80 -14.69 16.35
CA GLY B 152 15.98 -13.45 17.08
C GLY B 152 15.00 -12.41 16.61
N ALA B 153 14.94 -11.28 17.31
CA ALA B 153 13.96 -10.26 16.93
C ALA B 153 14.34 -9.64 15.61
N ALA B 154 13.32 -9.27 14.83
CA ALA B 154 13.59 -8.69 13.51
C ALA B 154 12.38 -7.83 13.17
N HIS B 155 11.53 -8.27 12.25
CA HIS B 155 10.27 -7.59 11.95
C HIS B 155 9.40 -7.48 13.20
N SER B 156 9.46 -8.49 14.03
CA SER B 156 8.78 -8.49 15.31
C SER B 156 9.65 -9.24 16.31
N THR B 157 9.33 -9.16 17.59
CA THR B 157 10.18 -9.85 18.56
C THR B 157 9.99 -11.35 18.53
N ASP B 158 8.84 -11.79 18.02
CA ASP B 158 8.43 -13.19 18.03
C ASP B 158 8.55 -13.90 16.73
N ASN B 159 9.05 -13.25 15.68
CA ASN B 159 9.01 -13.87 14.39
C ASN B 159 9.76 -15.20 14.26
N LEU B 160 9.09 -16.17 13.69
CA LEU B 160 9.65 -17.48 13.38
C LEU B 160 9.88 -17.62 11.88
N VAL B 161 10.86 -18.44 11.53
CA VAL B 161 11.05 -18.88 10.18
C VAL B 161 10.84 -20.38 10.10
N VAL B 162 10.50 -20.85 8.91
CA VAL B 162 10.12 -22.25 8.70
C VAL B 162 10.92 -22.81 7.54
N TYR B 163 11.51 -23.97 7.71
CA TYR B 163 12.29 -24.59 6.65
C TYR B 163 11.72 -25.95 6.35
N VAL B 164 11.62 -26.29 5.06
CA VAL B 164 11.12 -27.59 4.63
C VAL B 164 12.30 -28.36 4.04
N PRO B 165 12.92 -29.26 4.82
CA PRO B 165 14.17 -29.85 4.34
C PRO B 165 14.02 -30.68 3.08
N SER B 166 12.88 -31.33 2.88
CA SER B 166 12.75 -32.20 1.71
C SER B 166 12.78 -31.44 0.41
N ALA B 167 12.51 -30.14 0.48
CA ALA B 167 12.33 -29.29 -0.70
C ALA B 167 13.30 -28.10 -0.75
N SER B 168 14.11 -27.94 0.30
CA SER B 168 15.01 -26.80 0.42
C SER B 168 14.29 -25.47 0.30
N VAL B 169 13.10 -25.40 0.90
CA VAL B 169 12.28 -24.19 0.94
C VAL B 169 12.40 -23.53 2.29
N LEU B 170 12.85 -22.28 2.30
CA LEU B 170 12.92 -21.48 3.50
C LEU B 170 11.84 -20.41 3.42
N TYR B 171 10.92 -20.47 4.38
CA TYR B 171 9.85 -19.48 4.50
C TYR B 171 10.29 -18.50 5.55
N GLY B 172 10.63 -17.30 5.10
CA GLY B 172 11.19 -16.30 5.97
C GLY B 172 10.16 -15.50 6.70
N GLY B 173 8.92 -15.51 6.20
CA GLY B 173 7.90 -14.69 6.81
C GLY B 173 8.25 -13.23 6.70
N CYS B 174 7.70 -12.44 7.58
CA CYS B 174 7.77 -11.00 7.41
C CYS B 174 9.12 -10.42 7.83
N ALA B 175 10.00 -11.27 8.34
CA ALA B 175 11.38 -10.87 8.62
C ALA B 175 12.21 -10.74 7.32
N ILE B 176 11.71 -11.29 6.23
CA ILE B 176 12.41 -11.23 4.95
C ILE B 176 11.53 -10.47 3.94
N TYR B 177 12.17 -9.51 3.28
CA TYR B 177 11.49 -8.68 2.27
C TYR B 177 11.72 -9.21 0.86
N GLU B 178 10.73 -9.03 0.01
CA GLU B 178 10.93 -9.28 -1.42
C GLU B 178 11.81 -8.23 -2.01
N LEU B 179 12.43 -8.58 -3.14
CA LEU B 179 13.34 -7.68 -3.82
C LEU B 179 12.71 -6.35 -4.25
N SER B 180 11.47 -6.39 -4.69
CA SER B 180 10.80 -5.17 -5.14
CA SER B 180 10.79 -5.18 -5.13
C SER B 180 10.57 -4.18 -4.02
N ARG B 181 10.69 -4.63 -2.77
CA ARG B 181 10.52 -3.71 -1.65
CA ARG B 181 10.52 -3.72 -1.65
C ARG B 181 11.87 -3.12 -1.32
N THR B 182 12.03 -1.85 -1.64
CA THR B 182 13.32 -1.20 -1.45
C THR B 182 13.29 -0.21 -0.31
N SER B 183 12.15 -0.09 0.38
CA SER B 183 12.08 0.73 1.57
C SER B 183 11.33 -0.07 2.63
N ALA B 184 11.62 0.24 3.88
CA ALA B 184 11.12 -0.54 4.98
C ALA B 184 9.59 -0.48 5.01
N GLY B 185 8.95 -1.58 5.37
CA GLY B 185 7.51 -1.57 5.48
C GLY B 185 7.12 -1.06 6.85
N ASN B 186 6.16 -1.73 7.46
CA ASN B 186 5.73 -1.27 8.76
C ASN B 186 6.66 -1.92 9.78
N VAL B 187 7.37 -1.05 10.49
CA VAL B 187 8.38 -1.50 11.41
C VAL B 187 8.04 -1.09 12.81
N ALA B 188 6.76 -0.76 13.04
CA ALA B 188 6.36 -0.32 14.36
C ALA B 188 6.72 -1.28 15.49
N ASP B 189 6.75 -2.57 15.19
CA ASP B 189 7.02 -3.61 16.19
C ASP B 189 8.38 -4.26 16.03
N ALA B 190 9.21 -3.69 15.16
CA ALA B 190 10.49 -4.25 14.81
C ALA B 190 11.57 -3.94 15.84
N ASP B 191 12.61 -4.76 15.77
CA ASP B 191 13.86 -4.50 16.46
C ASP B 191 14.92 -4.21 15.42
N LEU B 192 15.00 -2.95 14.99
CA LEU B 192 15.90 -2.61 13.93
C LEU B 192 17.34 -2.91 14.29
N ALA B 193 17.71 -2.69 15.53
CA ALA B 193 19.09 -2.92 15.93
C ALA B 193 19.54 -4.38 15.79
N GLU B 194 18.63 -5.31 16.03
CA GLU B 194 18.91 -6.76 15.98
C GLU B 194 18.61 -7.40 14.66
N TRP B 195 17.81 -6.75 13.83
CA TRP B 195 17.29 -7.40 12.60
C TRP B 195 18.39 -7.97 11.72
N PRO B 196 19.45 -7.20 11.43
CA PRO B 196 20.52 -7.81 10.62
C PRO B 196 21.19 -9.04 11.27
N THR B 197 21.42 -9.02 12.59
CA THR B 197 22.02 -10.15 13.26
C THR B 197 21.09 -11.34 13.17
N SER B 198 19.79 -11.13 13.31
CA SER B 198 18.82 -12.19 13.17
C SER B 198 18.83 -12.80 11.76
N ILE B 199 18.98 -11.97 10.76
CA ILE B 199 19.11 -12.47 9.39
C ILE B 199 20.35 -13.31 9.23
N GLU B 200 21.46 -12.88 9.80
CA GLU B 200 22.69 -13.66 9.74
C GLU B 200 22.48 -15.02 10.38
N ARG B 201 21.73 -15.12 11.47
CA ARG B 201 21.45 -16.43 12.05
C ARG B 201 20.70 -17.34 11.09
N ILE B 202 19.81 -16.77 10.30
CA ILE B 202 19.08 -17.54 9.31
C ILE B 202 20.05 -18.07 8.24
N GLN B 203 20.91 -17.21 7.71
CA GLN B 203 21.89 -17.59 6.72
C GLN B 203 22.80 -18.69 7.27
N GLN B 204 23.21 -18.56 8.50
CA GLN B 204 24.13 -19.57 9.05
C GLN B 204 23.44 -20.91 9.29
N HIS B 205 22.14 -20.89 9.55
CA HIS B 205 21.43 -22.12 9.90
C HIS B 205 20.92 -22.86 8.65
N TYR B 206 20.60 -22.13 7.60
CA TYR B 206 20.01 -22.69 6.37
C TYR B 206 20.74 -22.23 5.11
N PRO B 207 22.06 -22.37 5.09
CA PRO B 207 22.81 -21.95 3.89
C PRO B 207 22.52 -22.77 2.65
N GLU B 208 21.87 -23.92 2.83
CA GLU B 208 21.54 -24.81 1.71
C GLU B 208 20.18 -24.46 1.07
N ALA B 209 19.47 -23.45 1.59
CA ALA B 209 18.15 -23.14 1.06
C ALA B 209 18.20 -22.71 -0.41
N GLN B 210 17.23 -23.20 -1.18
CA GLN B 210 17.15 -22.92 -2.63
C GLN B 210 16.02 -21.97 -3.00
N PHE B 211 14.95 -21.99 -2.21
CA PHE B 211 13.77 -21.21 -2.46
CA PHE B 211 13.77 -21.19 -2.46
C PHE B 211 13.48 -20.46 -1.19
N VAL B 212 13.39 -19.14 -1.27
CA VAL B 212 13.14 -18.31 -0.09
C VAL B 212 11.89 -17.48 -0.32
N ILE B 213 10.94 -17.63 0.60
CA ILE B 213 9.61 -17.03 0.49
CA ILE B 213 9.62 -17.01 0.48
C ILE B 213 9.48 -15.93 1.52
N PRO B 214 9.24 -14.70 1.06
CA PRO B 214 9.03 -13.57 1.99
C PRO B 214 7.60 -13.57 2.47
N GLY B 215 7.31 -12.80 3.52
CA GLY B 215 5.95 -12.71 4.00
C GLY B 215 4.99 -12.08 3.01
N HIS B 216 5.55 -11.19 2.18
CA HIS B 216 4.76 -10.43 1.22
C HIS B 216 5.59 -10.36 -0.06
N GLY B 217 5.03 -10.85 -1.15
CA GLY B 217 5.63 -10.65 -2.45
C GLY B 217 6.33 -11.87 -3.03
N LEU B 218 7.19 -11.62 -4.00
CA LEU B 218 7.76 -12.69 -4.81
C LEU B 218 8.87 -13.47 -4.15
N PRO B 219 8.82 -14.80 -4.29
CA PRO B 219 9.96 -15.57 -3.80
C PRO B 219 11.23 -15.35 -4.59
N GLY B 220 12.33 -15.78 -3.99
CA GLY B 220 13.62 -15.73 -4.64
C GLY B 220 14.54 -16.74 -4.03
N GLY B 221 15.82 -16.42 -3.97
CA GLY B 221 16.82 -17.27 -3.34
C GLY B 221 17.33 -16.63 -2.07
N LEU B 222 18.47 -17.11 -1.57
CA LEU B 222 19.05 -16.55 -0.37
C LEU B 222 19.46 -15.12 -0.54
N ASP B 223 19.51 -14.60 -1.78
CA ASP B 223 19.76 -13.18 -1.97
C ASP B 223 18.72 -12.29 -1.34
N LEU B 224 17.54 -12.81 -1.02
CA LEU B 224 16.59 -12.02 -0.26
C LEU B 224 17.08 -11.63 1.10
N LEU B 225 17.94 -12.45 1.72
CA LEU B 225 18.50 -12.14 3.05
C LEU B 225 19.36 -10.88 2.97
N LYS B 226 20.27 -10.86 2.02
CA LYS B 226 21.15 -9.71 1.84
C LYS B 226 20.34 -8.49 1.49
N HIS B 227 19.37 -8.67 0.60
CA HIS B 227 18.47 -7.59 0.23
C HIS B 227 17.78 -6.97 1.45
N THR B 228 17.24 -7.81 2.31
CA THR B 228 16.55 -7.32 3.49
C THR B 228 17.51 -6.59 4.41
N THR B 229 18.70 -7.14 4.63
CA THR B 229 19.72 -6.42 5.39
C THR B 229 19.97 -5.05 4.81
N ASN B 230 20.13 -4.97 3.48
CA ASN B 230 20.42 -3.68 2.88
C ASN B 230 19.28 -2.68 3.19
N VAL B 231 18.04 -3.11 3.04
CA VAL B 231 16.90 -2.22 3.24
C VAL B 231 16.76 -1.81 4.70
N VAL B 232 16.95 -2.77 5.61
CA VAL B 232 16.83 -2.45 7.02
C VAL B 232 17.92 -1.46 7.44
N LYS B 233 19.15 -1.67 7.00
CA LYS B 233 20.25 -0.77 7.33
C LYS B 233 20.00 0.64 6.77
N ALA B 234 19.46 0.73 5.57
CA ALA B 234 19.13 2.05 5.01
C ALA B 234 18.05 2.75 5.83
N HIS B 235 17.03 2.02 6.27
CA HIS B 235 16.01 2.62 7.12
C HIS B 235 16.60 3.09 8.45
N THR B 236 17.48 2.26 9.01
CA THR B 236 18.17 2.60 10.24
C THR B 236 18.89 3.92 10.12
N ASN B 237 19.47 4.17 8.94
CA ASN B 237 20.27 5.35 8.73
C ASN B 237 19.49 6.55 8.21
N ARG B 238 18.19 6.45 8.23
CA ARG B 238 17.34 7.57 7.84
C ARG B 238 17.72 8.79 8.67
N SER B 239 18.15 9.82 7.97
CA SER B 239 18.26 11.15 8.54
C SER B 239 17.26 11.96 7.74
N VAL B 240 16.13 11.31 7.44
CA VAL B 240 15.10 11.83 6.54
C VAL B 240 13.72 11.76 7.19
#